data_6SAB
#
_entry.id   6SAB
#
_entity_poly.entity_id   1
_entity_poly.type   'polypeptide(L)'
_entity_poly.pdbx_seq_one_letter_code
;QMDMRCSASVECKQKCLKAIGSIFGKCMNKKCKC
;
_entity_poly.pdbx_strand_id   A
#
# COMPACT_ATOMS: atom_id res chain seq x y z
N GLN A 1 -4.25 4.62 -14.14
CA GLN A 1 -4.56 3.95 -12.86
C GLN A 1 -3.52 4.30 -11.82
N MET A 2 -3.59 3.65 -10.65
CA MET A 2 -2.71 3.92 -9.53
C MET A 2 -2.86 5.38 -9.09
N ASP A 3 -3.86 5.62 -8.26
CA ASP A 3 -4.27 6.98 -7.94
C ASP A 3 -4.34 7.24 -6.44
N MET A 4 -3.43 6.60 -5.69
CA MET A 4 -3.26 6.80 -4.24
C MET A 4 -4.58 6.95 -3.48
N ARG A 5 -5.57 6.16 -3.87
CA ARG A 5 -6.88 6.26 -3.24
C ARG A 5 -7.36 4.92 -2.69
N CYS A 6 -6.44 4.20 -2.06
CA CYS A 6 -6.75 2.93 -1.41
C CYS A 6 -7.25 1.93 -2.42
N SER A 7 -6.82 2.11 -3.65
CA SER A 7 -7.21 1.25 -4.76
C SER A 7 -6.26 1.47 -5.93
N ALA A 8 -5.03 1.89 -5.63
CA ALA A 8 -4.08 2.23 -6.67
C ALA A 8 -3.43 0.97 -7.24
N SER A 9 -3.78 -0.19 -6.69
CA SER A 9 -3.32 -1.48 -7.22
C SER A 9 -1.81 -1.64 -7.08
N VAL A 10 -1.25 -1.10 -5.99
CA VAL A 10 0.21 -1.11 -5.82
C VAL A 10 0.64 -0.68 -4.41
N GLU A 11 -0.18 0.12 -3.73
CA GLU A 11 0.16 0.65 -2.41
C GLU A 11 0.35 -0.48 -1.40
N CYS A 12 -0.22 -1.64 -1.71
CA CYS A 12 -0.13 -2.78 -0.81
C CYS A 12 1.24 -3.43 -0.85
N LYS A 13 2.20 -2.72 -1.41
CA LYS A 13 3.56 -3.19 -1.41
C LYS A 13 4.49 -2.13 -0.82
N GLN A 14 4.56 -0.97 -1.47
CA GLN A 14 5.47 0.09 -1.06
C GLN A 14 5.13 0.64 0.32
N LYS A 15 3.86 0.95 0.55
CA LYS A 15 3.43 1.47 1.84
C LYS A 15 3.78 0.48 2.95
N CYS A 16 3.56 -0.79 2.68
CA CYS A 16 3.85 -1.84 3.64
C CYS A 16 5.35 -1.98 3.84
N LEU A 17 6.09 -1.72 2.77
CA LEU A 17 7.55 -1.80 2.80
C LEU A 17 8.14 -0.65 3.60
N LYS A 18 7.47 0.48 3.56
CA LYS A 18 7.85 1.64 4.35
C LYS A 18 7.37 1.48 5.80
N ALA A 19 6.27 0.74 5.97
CA ALA A 19 5.72 0.49 7.30
C ALA A 19 6.59 -0.48 8.11
N ILE A 20 6.58 -1.75 7.72
CA ILE A 20 7.36 -2.77 8.45
C ILE A 20 8.36 -3.47 7.54
N GLY A 21 8.30 -3.16 6.25
CA GLY A 21 9.17 -3.81 5.30
C GLY A 21 8.52 -5.05 4.70
N SER A 22 7.29 -4.90 4.23
CA SER A 22 6.53 -6.01 3.69
C SER A 22 5.90 -5.63 2.37
N ILE A 23 5.55 -6.62 1.56
CA ILE A 23 4.87 -6.36 0.30
C ILE A 23 3.48 -6.96 0.32
N PHE A 24 2.89 -6.99 1.51
CA PHE A 24 1.60 -7.61 1.71
C PHE A 24 0.69 -6.67 2.48
N GLY A 25 0.64 -5.44 2.00
CA GLY A 25 -0.13 -4.39 2.64
C GLY A 25 -1.63 -4.57 2.50
N LYS A 26 -2.38 -3.93 3.39
CA LYS A 26 -3.83 -4.02 3.40
C LYS A 26 -4.45 -2.63 3.19
N CYS A 27 -5.36 -2.54 2.23
CA CYS A 27 -6.02 -1.28 1.84
C CYS A 27 -6.44 -0.44 3.05
N MET A 28 -5.65 0.60 3.34
CA MET A 28 -5.86 1.46 4.51
C MET A 28 -5.15 2.79 4.35
N ASN A 29 -5.76 3.85 4.88
CA ASN A 29 -5.15 5.19 4.90
C ASN A 29 -4.82 5.69 3.50
N LYS A 30 -5.76 5.47 2.57
CA LYS A 30 -5.62 5.89 1.18
C LYS A 30 -4.52 5.10 0.46
N LYS A 31 -3.91 4.17 1.18
CA LYS A 31 -2.89 3.29 0.61
C LYS A 31 -3.11 1.88 1.14
N CYS A 32 -2.10 1.34 1.79
CA CYS A 32 -2.20 0.06 2.45
C CYS A 32 -1.33 0.05 3.70
N LYS A 33 -1.70 -0.77 4.66
CA LYS A 33 -0.96 -0.85 5.92
C LYS A 33 -0.50 -2.27 6.16
N CYS A 34 0.43 -2.45 7.07
CA CYS A 34 0.77 -3.77 7.56
C CYS A 34 0.03 -4.01 8.87
N GLN A 1 -0.68 4.25 -14.98
CA GLN A 1 -0.65 3.97 -13.53
C GLN A 1 -2.06 3.77 -13.01
N MET A 2 -2.17 3.03 -11.92
CA MET A 2 -3.46 2.83 -11.29
C MET A 2 -3.58 3.77 -10.10
N ASP A 3 -4.81 4.09 -9.71
CA ASP A 3 -5.07 5.04 -8.62
C ASP A 3 -4.35 4.59 -7.36
N MET A 4 -3.69 5.54 -6.69
CA MET A 4 -2.84 5.26 -5.54
C MET A 4 -3.63 4.67 -4.37
N ARG A 5 -4.94 4.61 -4.53
CA ARG A 5 -5.83 4.05 -3.52
C ARG A 5 -5.73 2.52 -3.47
N CYS A 6 -4.55 2.02 -3.11
CA CYS A 6 -4.30 0.61 -2.85
C CYS A 6 -4.29 -0.24 -4.12
N SER A 7 -5.11 0.15 -5.07
CA SER A 7 -5.23 -0.57 -6.32
C SER A 7 -4.28 0.02 -7.35
N ALA A 8 -3.21 0.65 -6.87
CA ALA A 8 -2.26 1.35 -7.72
C ALA A 8 -1.25 0.40 -8.36
N SER A 9 -1.40 -0.89 -8.07
CA SER A 9 -0.50 -1.92 -8.57
C SER A 9 0.93 -1.67 -8.08
N VAL A 10 1.07 -1.01 -6.93
CA VAL A 10 2.37 -0.74 -6.35
C VAL A 10 2.26 -0.11 -4.95
N GLU A 11 1.27 0.75 -4.75
CA GLU A 11 1.11 1.47 -3.48
C GLU A 11 0.82 0.53 -2.32
N CYS A 12 0.05 -0.52 -2.59
CA CYS A 12 -0.32 -1.47 -1.54
C CYS A 12 0.88 -2.33 -1.17
N LYS A 13 1.96 -2.17 -1.93
CA LYS A 13 3.19 -2.90 -1.69
C LYS A 13 4.17 -2.03 -0.91
N GLN A 14 4.50 -0.89 -1.49
CA GLN A 14 5.56 -0.02 -0.96
C GLN A 14 5.14 0.65 0.34
N LYS A 15 3.86 0.99 0.47
CA LYS A 15 3.39 1.68 1.66
C LYS A 15 3.52 0.82 2.90
N CYS A 16 3.36 -0.48 2.74
CA CYS A 16 3.53 -1.39 3.85
C CYS A 16 4.99 -1.83 3.98
N LEU A 17 5.75 -1.60 2.94
CA LEU A 17 7.17 -1.87 2.96
C LEU A 17 7.87 -0.78 3.78
N LYS A 18 7.38 0.44 3.63
CA LYS A 18 7.86 1.54 4.47
C LYS A 18 7.31 1.38 5.88
N ALA A 19 6.11 0.83 5.98
CA ALA A 19 5.50 0.54 7.28
C ALA A 19 6.35 -0.44 8.08
N ILE A 20 6.53 -1.64 7.55
CA ILE A 20 7.31 -2.67 8.24
C ILE A 20 8.30 -3.36 7.29
N GLY A 21 7.94 -3.46 6.02
CA GLY A 21 8.77 -4.17 5.08
C GLY A 21 8.01 -5.23 4.31
N SER A 22 6.71 -5.24 4.47
CA SER A 22 5.86 -6.21 3.80
C SER A 22 5.17 -5.55 2.61
N ILE A 23 5.17 -6.23 1.48
CA ILE A 23 4.52 -5.73 0.29
C ILE A 23 3.05 -6.14 0.28
N PHE A 24 2.68 -6.94 1.26
CA PHE A 24 1.34 -7.48 1.34
C PHE A 24 0.47 -6.59 2.21
N GLY A 25 0.35 -5.34 1.77
CA GLY A 25 -0.30 -4.31 2.54
C GLY A 25 -1.77 -4.55 2.84
N LYS A 26 -2.23 -3.93 3.92
CA LYS A 26 -3.64 -3.96 4.31
C LYS A 26 -4.34 -2.69 3.86
N CYS A 27 -5.13 -2.78 2.80
CA CYS A 27 -5.86 -1.64 2.24
C CYS A 27 -6.54 -0.79 3.33
N MET A 28 -5.92 0.34 3.65
CA MET A 28 -6.39 1.25 4.69
C MET A 28 -5.72 2.60 4.52
N ASN A 29 -6.42 3.67 4.90
CA ASN A 29 -5.92 5.04 4.71
C ASN A 29 -5.56 5.28 3.26
N LYS A 30 -6.46 4.83 2.38
CA LYS A 30 -6.32 4.95 0.92
C LYS A 30 -5.26 4.00 0.37
N LYS A 31 -4.19 3.76 1.11
CA LYS A 31 -3.16 2.82 0.67
C LYS A 31 -3.25 1.53 1.45
N CYS A 32 -2.24 1.29 2.28
CA CYS A 32 -2.18 0.08 3.07
C CYS A 32 -1.43 0.31 4.37
N LYS A 33 -1.81 -0.43 5.40
CA LYS A 33 -1.15 -0.35 6.70
C LYS A 33 -0.65 -1.71 7.11
N CYS A 34 0.53 -1.74 7.69
CA CYS A 34 1.08 -2.98 8.20
C CYS A 34 1.93 -2.69 9.43
N GLN A 1 2.04 5.05 -13.44
CA GLN A 1 1.60 4.56 -12.12
C GLN A 1 0.22 5.12 -11.80
N MET A 2 -0.28 4.85 -10.59
CA MET A 2 -1.59 5.30 -10.18
C MET A 2 -1.49 6.04 -8.86
N ASP A 3 -2.56 6.74 -8.51
CA ASP A 3 -2.58 7.58 -7.32
C ASP A 3 -2.85 6.75 -6.07
N MET A 4 -2.29 7.20 -4.95
CA MET A 4 -2.40 6.51 -3.66
C MET A 4 -3.78 6.72 -3.05
N ARG A 5 -4.79 6.49 -3.87
CA ARG A 5 -6.17 6.55 -3.43
C ARG A 5 -6.77 5.15 -3.39
N CYS A 6 -5.96 4.20 -2.91
CA CYS A 6 -6.36 2.80 -2.80
C CYS A 6 -6.47 2.20 -4.19
N SER A 7 -5.67 2.74 -5.10
CA SER A 7 -5.65 2.27 -6.47
C SER A 7 -4.28 2.53 -7.10
N ALA A 8 -3.29 2.84 -6.25
CA ALA A 8 -1.94 3.18 -6.74
C ALA A 8 -1.23 1.97 -7.34
N SER A 9 -1.90 0.81 -7.28
CA SER A 9 -1.45 -0.45 -7.91
C SER A 9 -0.19 -1.04 -7.27
N VAL A 10 0.53 -0.24 -6.50
CA VAL A 10 1.72 -0.71 -5.79
C VAL A 10 1.70 -0.24 -4.34
N GLU A 11 0.51 0.03 -3.83
CA GLU A 11 0.35 0.56 -2.49
C GLU A 11 0.40 -0.54 -1.45
N CYS A 12 -0.22 -1.67 -1.78
CA CYS A 12 -0.21 -2.82 -0.89
C CYS A 12 1.13 -3.53 -0.92
N LYS A 13 2.06 -2.98 -1.69
CA LYS A 13 3.40 -3.52 -1.69
C LYS A 13 4.38 -2.49 -1.14
N GLN A 14 4.17 -1.23 -1.48
CA GLN A 14 5.10 -0.16 -1.11
C GLN A 14 4.78 0.46 0.25
N LYS A 15 3.51 0.76 0.49
CA LYS A 15 3.14 1.44 1.74
C LYS A 15 3.28 0.51 2.93
N CYS A 16 3.23 -0.78 2.67
CA CYS A 16 3.51 -1.76 3.72
C CYS A 16 5.02 -1.94 3.85
N LEU A 17 5.71 -1.70 2.75
CA LEU A 17 7.16 -1.84 2.73
C LEU A 17 7.80 -0.68 3.46
N LYS A 18 7.20 0.50 3.31
CA LYS A 18 7.62 1.67 4.04
C LYS A 18 7.17 1.59 5.49
N ALA A 19 6.10 0.83 5.73
CA ALA A 19 5.58 0.62 7.08
C ALA A 19 6.51 -0.28 7.90
N ILE A 20 6.51 -1.59 7.60
CA ILE A 20 7.36 -2.53 8.33
C ILE A 20 8.40 -3.15 7.40
N GLY A 21 8.11 -3.13 6.11
CA GLY A 21 8.97 -3.81 5.15
C GLY A 21 8.31 -5.04 4.59
N SER A 22 7.05 -4.90 4.19
CA SER A 22 6.26 -6.02 3.70
C SER A 22 5.59 -5.63 2.38
N ILE A 23 5.43 -6.60 1.50
CA ILE A 23 4.70 -6.36 0.27
C ILE A 23 3.29 -6.95 0.37
N PHE A 24 2.83 -7.08 1.60
CA PHE A 24 1.54 -7.69 1.86
C PHE A 24 0.65 -6.72 2.60
N GLY A 25 0.56 -5.53 2.04
CA GLY A 25 -0.19 -4.43 2.61
C GLY A 25 -1.70 -4.62 2.56
N LYS A 26 -2.38 -3.97 3.50
CA LYS A 26 -3.84 -4.02 3.63
C LYS A 26 -4.44 -2.70 3.20
N CYS A 27 -5.41 -2.75 2.31
CA CYS A 27 -6.06 -1.52 1.81
C CYS A 27 -6.77 -0.77 2.92
N MET A 28 -6.12 0.27 3.44
CA MET A 28 -6.66 1.08 4.52
C MET A 28 -6.09 2.50 4.46
N ASN A 29 -6.96 3.48 4.66
CA ASN A 29 -6.56 4.90 4.69
C ASN A 29 -6.02 5.33 3.33
N LYS A 30 -6.59 4.76 2.26
CA LYS A 30 -6.20 5.06 0.87
C LYS A 30 -4.85 4.47 0.51
N LYS A 31 -4.13 3.99 1.51
CA LYS A 31 -2.86 3.30 1.31
C LYS A 31 -3.03 1.86 1.77
N CYS A 32 -1.93 1.22 2.11
CA CYS A 32 -1.97 -0.13 2.61
C CYS A 32 -1.08 -0.31 3.81
N LYS A 33 -1.67 -0.72 4.92
CA LYS A 33 -0.96 -0.92 6.16
C LYS A 33 -0.54 -2.37 6.30
N CYS A 34 0.43 -2.64 7.15
CA CYS A 34 0.78 -4.01 7.44
C CYS A 34 -0.14 -4.58 8.52
N GLN A 1 -0.92 6.75 -12.43
CA GLN A 1 -2.21 7.47 -12.48
C GLN A 1 -3.17 6.97 -11.42
N MET A 2 -2.81 5.90 -10.75
CA MET A 2 -3.65 5.36 -9.71
C MET A 2 -3.28 6.02 -8.40
N ASP A 3 -4.24 6.67 -7.78
CA ASP A 3 -4.00 7.38 -6.53
C ASP A 3 -3.59 6.41 -5.42
N MET A 4 -2.77 6.91 -4.50
CA MET A 4 -2.24 6.12 -3.40
C MET A 4 -3.35 5.58 -2.50
N ARG A 5 -4.57 6.07 -2.70
CA ARG A 5 -5.72 5.61 -1.92
C ARG A 5 -6.14 4.20 -2.30
N CYS A 6 -5.25 3.26 -2.01
CA CYS A 6 -5.49 1.84 -2.26
C CYS A 6 -5.85 1.61 -3.72
N SER A 7 -5.20 2.35 -4.61
CA SER A 7 -5.47 2.26 -6.04
C SER A 7 -4.18 2.20 -6.84
N ALA A 8 -3.10 2.77 -6.28
CA ALA A 8 -1.84 3.03 -7.01
C ALA A 8 -1.19 1.75 -7.59
N SER A 9 -1.79 0.59 -7.31
CA SER A 9 -1.38 -0.69 -7.90
C SER A 9 -0.08 -1.22 -7.27
N VAL A 10 0.72 -0.31 -6.71
CA VAL A 10 1.93 -0.70 -6.00
C VAL A 10 1.85 -0.28 -4.54
N GLU A 11 0.66 0.14 -4.14
CA GLU A 11 0.46 0.66 -2.79
C GLU A 11 0.46 -0.46 -1.76
N CYS A 12 -0.12 -1.59 -2.14
CA CYS A 12 -0.18 -2.73 -1.24
C CYS A 12 1.14 -3.49 -1.21
N LYS A 13 2.20 -2.81 -1.61
CA LYS A 13 3.53 -3.37 -1.52
C LYS A 13 4.50 -2.30 -1.02
N GLN A 14 4.61 -1.22 -1.78
CA GLN A 14 5.61 -0.19 -1.50
C GLN A 14 5.22 0.64 -0.28
N LYS A 15 3.94 0.94 -0.16
CA LYS A 15 3.47 1.76 0.95
C LYS A 15 3.55 1.00 2.26
N CYS A 16 3.21 -0.27 2.23
CA CYS A 16 3.30 -1.09 3.42
C CYS A 16 4.73 -1.52 3.66
N LEU A 17 5.56 -1.36 2.64
CA LEU A 17 6.98 -1.62 2.78
C LEU A 17 7.61 -0.48 3.58
N LYS A 18 7.18 0.73 3.29
CA LYS A 18 7.61 1.89 4.06
C LYS A 18 6.97 1.88 5.44
N ALA A 19 5.82 1.22 5.54
CA ALA A 19 5.14 1.06 6.81
C ALA A 19 5.90 0.13 7.73
N ILE A 20 5.98 -1.15 7.38
CA ILE A 20 6.60 -2.15 8.26
C ILE A 20 7.60 -3.04 7.53
N GLY A 21 7.88 -2.73 6.27
CA GLY A 21 8.81 -3.53 5.50
C GLY A 21 8.19 -4.81 4.99
N SER A 22 6.96 -4.71 4.49
CA SER A 22 6.23 -5.86 4.01
C SER A 22 5.67 -5.58 2.61
N ILE A 23 5.16 -6.63 1.95
CA ILE A 23 4.67 -6.50 0.58
C ILE A 23 3.34 -7.22 0.40
N PHE A 24 2.46 -7.08 1.38
CA PHE A 24 1.17 -7.77 1.39
C PHE A 24 0.12 -6.82 1.95
N GLY A 25 0.16 -5.59 1.46
CA GLY A 25 -0.58 -4.50 2.03
C GLY A 25 -2.08 -4.68 2.08
N LYS A 26 -2.65 -4.32 3.22
CA LYS A 26 -4.09 -4.29 3.43
C LYS A 26 -4.56 -2.85 3.37
N CYS A 27 -5.68 -2.59 2.69
CA CYS A 27 -6.23 -1.24 2.56
C CYS A 27 -6.38 -0.56 3.92
N MET A 28 -5.40 0.27 4.25
CA MET A 28 -5.32 0.95 5.55
C MET A 28 -4.44 2.17 5.41
N ASN A 29 -4.66 3.15 6.27
CA ASN A 29 -3.87 4.39 6.25
C ASN A 29 -3.99 5.05 4.89
N LYS A 30 -5.19 4.94 4.31
CA LYS A 30 -5.51 5.48 2.99
C LYS A 30 -4.93 4.63 1.86
N LYS A 31 -3.77 4.02 2.07
CA LYS A 31 -3.19 3.18 1.05
C LYS A 31 -3.23 1.72 1.49
N CYS A 32 -2.09 1.18 1.90
CA CYS A 32 -2.04 -0.20 2.34
C CYS A 32 -1.03 -0.41 3.45
N LYS A 33 -1.47 -1.10 4.48
CA LYS A 33 -0.63 -1.56 5.57
C LYS A 33 -0.68 -3.07 5.63
N CYS A 34 0.46 -3.73 5.68
CA CYS A 34 0.48 -5.18 5.74
C CYS A 34 0.19 -5.65 7.17
N GLN A 1 0.38 5.35 -14.20
CA GLN A 1 0.16 5.16 -12.74
C GLN A 1 -1.29 5.45 -12.36
N MET A 2 -1.88 4.55 -11.59
CA MET A 2 -3.20 4.77 -11.03
C MET A 2 -3.06 5.57 -9.74
N ASP A 3 -4.15 6.08 -9.24
CA ASP A 3 -4.12 6.91 -8.03
C ASP A 3 -3.95 6.03 -6.80
N MET A 4 -3.25 6.55 -5.81
CA MET A 4 -2.94 5.80 -4.59
C MET A 4 -4.14 5.79 -3.68
N ARG A 5 -5.21 5.22 -4.20
CA ARG A 5 -6.45 5.05 -3.46
C ARG A 5 -6.85 3.57 -3.47
N CYS A 6 -5.91 2.73 -3.05
CA CYS A 6 -6.06 1.30 -3.17
C CYS A 6 -6.32 0.96 -4.63
N SER A 7 -5.48 1.52 -5.49
CA SER A 7 -5.66 1.40 -6.93
C SER A 7 -4.35 1.65 -7.67
N ALA A 8 -3.35 2.25 -7.02
CA ALA A 8 -2.09 2.59 -7.68
C ALA A 8 -1.32 1.33 -8.04
N SER A 9 -1.84 0.20 -7.57
CA SER A 9 -1.35 -1.11 -7.92
C SER A 9 -0.04 -1.41 -7.19
N VAL A 10 0.34 -0.51 -6.27
CA VAL A 10 1.60 -0.65 -5.56
C VAL A 10 1.50 -0.28 -4.07
N GLU A 11 0.38 0.30 -3.64
CA GLU A 11 0.27 0.79 -2.27
C GLU A 11 0.30 -0.36 -1.28
N CYS A 12 -0.26 -1.50 -1.69
CA CYS A 12 -0.27 -2.69 -0.85
C CYS A 12 1.06 -3.42 -0.92
N LYS A 13 2.06 -2.77 -1.49
CA LYS A 13 3.39 -3.32 -1.51
C LYS A 13 4.38 -2.31 -0.94
N GLN A 14 4.28 -1.06 -1.40
CA GLN A 14 5.25 -0.03 -1.05
C GLN A 14 4.97 0.60 0.30
N LYS A 15 3.72 0.91 0.60
CA LYS A 15 3.39 1.51 1.89
C LYS A 15 3.69 0.54 3.01
N CYS A 16 3.33 -0.71 2.79
CA CYS A 16 3.63 -1.77 3.74
C CYS A 16 5.14 -1.95 3.88
N LEU A 17 5.87 -1.62 2.81
CA LEU A 17 7.31 -1.72 2.81
C LEU A 17 7.91 -0.58 3.63
N LYS A 18 7.23 0.55 3.61
CA LYS A 18 7.60 1.68 4.45
C LYS A 18 7.28 1.39 5.91
N ALA A 19 6.16 0.70 6.12
CA ALA A 19 5.70 0.36 7.46
C ALA A 19 6.67 -0.59 8.16
N ILE A 20 6.80 -1.81 7.62
CA ILE A 20 7.66 -2.82 8.24
C ILE A 20 8.60 -3.46 7.23
N GLY A 21 8.38 -3.19 5.95
CA GLY A 21 9.19 -3.81 4.92
C GLY A 21 8.52 -5.04 4.34
N SER A 22 7.23 -4.92 4.08
CA SER A 22 6.44 -6.02 3.60
C SER A 22 5.68 -5.64 2.34
N ILE A 23 5.47 -6.61 1.46
CA ILE A 23 4.73 -6.37 0.23
C ILE A 23 3.32 -6.94 0.34
N PHE A 24 2.79 -6.92 1.55
CA PHE A 24 1.51 -7.56 1.82
C PHE A 24 0.58 -6.59 2.55
N GLY A 25 0.54 -5.38 2.01
CA GLY A 25 -0.24 -4.31 2.59
C GLY A 25 -1.75 -4.53 2.54
N LYS A 26 -2.43 -3.87 3.46
CA LYS A 26 -3.89 -3.94 3.60
C LYS A 26 -4.52 -2.58 3.30
N CYS A 27 -5.52 -2.55 2.43
CA CYS A 27 -6.16 -1.31 2.00
C CYS A 27 -6.76 -0.55 3.18
N MET A 28 -6.08 0.52 3.59
CA MET A 28 -6.53 1.38 4.67
C MET A 28 -6.26 2.83 4.28
N ASN A 29 -7.31 3.65 4.32
CA ASN A 29 -7.24 5.08 3.97
C ASN A 29 -6.38 5.33 2.73
N LYS A 30 -6.84 4.79 1.59
CA LYS A 30 -6.24 5.03 0.27
C LYS A 30 -4.94 4.25 0.05
N LYS A 31 -4.22 3.96 1.11
CA LYS A 31 -2.98 3.21 0.98
C LYS A 31 -3.12 1.88 1.71
N CYS A 32 -2.02 1.28 2.09
CA CYS A 32 -2.07 -0.04 2.68
C CYS A 32 -1.12 -0.17 3.86
N LYS A 33 -1.62 -0.74 4.94
CA LYS A 33 -0.84 -0.98 6.14
C LYS A 33 -0.56 -2.47 6.26
N CYS A 34 0.44 -2.81 7.03
CA CYS A 34 0.73 -4.22 7.29
C CYS A 34 -0.19 -4.75 8.38
N GLN A 1 1.70 4.80 -13.47
CA GLN A 1 1.02 3.92 -12.48
C GLN A 1 -0.34 4.47 -12.10
N MET A 2 -1.04 3.75 -11.24
CA MET A 2 -2.33 4.16 -10.75
C MET A 2 -2.15 5.15 -9.61
N ASP A 3 -3.21 5.87 -9.28
CA ASP A 3 -3.15 6.89 -8.23
C ASP A 3 -3.17 6.24 -6.86
N MET A 4 -2.41 6.81 -5.93
CA MET A 4 -2.28 6.26 -4.57
C MET A 4 -3.53 6.52 -3.74
N ARG A 5 -4.67 6.25 -4.35
CA ARG A 5 -5.96 6.39 -3.69
C ARG A 5 -6.48 5.03 -3.25
N CYS A 6 -5.54 4.18 -2.85
CA CYS A 6 -5.84 2.82 -2.39
C CYS A 6 -6.17 1.97 -3.60
N SER A 7 -5.57 2.33 -4.71
CA SER A 7 -5.80 1.66 -5.96
C SER A 7 -4.65 1.91 -6.91
N ALA A 8 -3.49 2.31 -6.37
CA ALA A 8 -2.30 2.54 -7.18
C ALA A 8 -1.71 1.21 -7.62
N SER A 9 -2.27 0.13 -7.07
CA SER A 9 -1.85 -1.23 -7.38
C SER A 9 -0.46 -1.49 -6.82
N VAL A 10 -0.01 -0.59 -5.96
CA VAL A 10 1.33 -0.65 -5.43
C VAL A 10 1.40 -0.33 -3.94
N GLU A 11 0.35 0.27 -3.38
CA GLU A 11 0.36 0.66 -1.97
C GLU A 11 0.39 -0.56 -1.08
N CYS A 12 -0.29 -1.62 -1.52
CA CYS A 12 -0.29 -2.87 -0.79
C CYS A 12 1.02 -3.61 -0.94
N LYS A 13 2.01 -2.93 -1.50
CA LYS A 13 3.33 -3.49 -1.62
C LYS A 13 4.36 -2.53 -1.02
N GLN A 14 4.30 -1.27 -1.46
CA GLN A 14 5.31 -0.29 -1.09
C GLN A 14 4.98 0.43 0.21
N LYS A 15 3.71 0.78 0.41
CA LYS A 15 3.32 1.49 1.64
C LYS A 15 3.50 0.59 2.85
N CYS A 16 3.25 -0.70 2.66
CA CYS A 16 3.48 -1.68 3.71
C CYS A 16 4.98 -1.90 3.90
N LEU A 17 5.74 -1.67 2.83
CA LEU A 17 7.18 -1.80 2.87
C LEU A 17 7.76 -0.62 3.63
N LYS A 18 7.18 0.55 3.42
CA LYS A 18 7.55 1.75 4.15
C LYS A 18 7.18 1.61 5.62
N ALA A 19 6.08 0.89 5.88
CA ALA A 19 5.62 0.64 7.24
C ALA A 19 6.57 -0.29 7.99
N ILE A 20 6.50 -1.58 7.69
CA ILE A 20 7.33 -2.56 8.39
C ILE A 20 8.33 -3.20 7.44
N GLY A 21 8.07 -3.11 6.15
CA GLY A 21 8.91 -3.77 5.17
C GLY A 21 8.23 -4.99 4.59
N SER A 22 6.95 -4.85 4.28
CA SER A 22 6.17 -5.96 3.76
C SER A 22 5.54 -5.58 2.42
N ILE A 23 5.47 -6.51 1.50
CA ILE A 23 4.83 -6.27 0.23
C ILE A 23 3.44 -6.90 0.22
N PHE A 24 2.88 -7.05 1.41
CA PHE A 24 1.58 -7.68 1.59
C PHE A 24 0.67 -6.76 2.37
N GLY A 25 0.63 -5.52 1.92
CA GLY A 25 -0.13 -4.47 2.59
C GLY A 25 -1.63 -4.67 2.53
N LYS A 26 -2.35 -3.99 3.42
CA LYS A 26 -3.79 -4.10 3.50
C LYS A 26 -4.44 -2.72 3.34
N CYS A 27 -5.40 -2.62 2.43
CA CYS A 27 -6.07 -1.36 2.09
C CYS A 27 -6.54 -0.60 3.33
N MET A 28 -5.83 0.49 3.66
CA MET A 28 -6.14 1.30 4.84
C MET A 28 -5.79 2.77 4.59
N ASN A 29 -6.72 3.66 4.95
CA ASN A 29 -6.55 5.12 4.83
C ASN A 29 -5.90 5.56 3.51
N LYS A 30 -6.51 5.12 2.41
CA LYS A 30 -6.13 5.53 1.06
C LYS A 30 -4.82 4.89 0.59
N LYS A 31 -4.18 4.14 1.46
CA LYS A 31 -3.00 3.36 1.08
C LYS A 31 -3.17 1.95 1.60
N CYS A 32 -2.08 1.27 1.91
CA CYS A 32 -2.16 -0.05 2.48
C CYS A 32 -1.22 -0.22 3.66
N LYS A 33 -1.80 -0.62 4.77
CA LYS A 33 -1.08 -0.81 6.01
C LYS A 33 -1.03 -2.30 6.35
N CYS A 34 0.08 -2.73 6.94
CA CYS A 34 0.23 -4.11 7.37
C CYS A 34 -0.72 -4.42 8.53
N GLN A 1 1.96 3.84 -12.74
CA GLN A 1 1.26 3.63 -11.45
C GLN A 1 -0.02 4.44 -11.41
N MET A 2 -0.92 4.07 -10.52
CA MET A 2 -2.18 4.78 -10.36
C MET A 2 -2.14 5.63 -9.10
N ASP A 3 -3.18 6.42 -8.89
CA ASP A 3 -3.24 7.32 -7.75
C ASP A 3 -3.36 6.54 -6.45
N MET A 4 -2.76 7.07 -5.39
CA MET A 4 -2.78 6.45 -4.08
C MET A 4 -4.13 6.69 -3.41
N ARG A 5 -5.17 6.35 -4.12
CA ARG A 5 -6.54 6.45 -3.64
C ARG A 5 -7.11 5.06 -3.40
N CYS A 6 -6.25 4.17 -2.92
CA CYS A 6 -6.60 2.77 -2.69
C CYS A 6 -6.87 2.10 -4.02
N SER A 7 -6.08 2.51 -5.00
CA SER A 7 -6.17 1.98 -6.33
C SER A 7 -4.85 2.19 -7.07
N ALA A 8 -3.77 2.48 -6.32
CA ALA A 8 -2.50 2.81 -6.95
C ALA A 8 -1.86 1.59 -7.60
N SER A 9 -2.35 0.41 -7.20
CA SER A 9 -1.85 -0.88 -7.68
C SER A 9 -0.47 -1.16 -7.09
N VAL A 10 -0.10 -0.41 -6.06
CA VAL A 10 1.24 -0.51 -5.51
C VAL A 10 1.29 -0.24 -3.99
N GLU A 11 0.19 0.25 -3.41
CA GLU A 11 0.18 0.66 -2.01
C GLU A 11 0.35 -0.56 -1.11
N CYS A 12 -0.24 -1.67 -1.52
CA CYS A 12 -0.20 -2.89 -0.72
C CYS A 12 1.12 -3.59 -0.88
N LYS A 13 2.09 -2.89 -1.46
CA LYS A 13 3.43 -3.41 -1.55
C LYS A 13 4.43 -2.39 -0.98
N GLN A 14 4.32 -1.15 -1.43
CA GLN A 14 5.31 -0.13 -1.07
C GLN A 14 5.02 0.50 0.29
N LYS A 15 3.75 0.80 0.56
CA LYS A 15 3.39 1.35 1.86
C LYS A 15 3.67 0.33 2.94
N CYS A 16 3.39 -0.91 2.59
CA CYS A 16 3.70 -2.06 3.44
C CYS A 16 5.19 -2.13 3.72
N LEU A 17 5.97 -1.74 2.71
CA LEU A 17 7.42 -1.79 2.80
C LEU A 17 7.95 -0.63 3.62
N LYS A 18 7.34 0.53 3.45
CA LYS A 18 7.69 1.70 4.23
C LYS A 18 7.21 1.52 5.66
N ALA A 19 6.21 0.67 5.84
CA ALA A 19 5.73 0.34 7.18
C ALA A 19 6.69 -0.60 7.90
N ILE A 20 6.70 -1.86 7.49
CA ILE A 20 7.48 -2.88 8.19
C ILE A 20 8.38 -3.67 7.24
N GLY A 21 8.56 -3.16 6.03
CA GLY A 21 9.39 -3.84 5.05
C GLY A 21 8.71 -5.06 4.47
N SER A 22 7.43 -4.93 4.17
CA SER A 22 6.63 -6.03 3.65
C SER A 22 5.99 -5.64 2.33
N ILE A 23 5.46 -6.63 1.62
CA ILE A 23 4.78 -6.37 0.36
C ILE A 23 3.39 -7.00 0.36
N PHE A 24 2.77 -6.99 1.52
CA PHE A 24 1.47 -7.63 1.71
C PHE A 24 0.54 -6.69 2.46
N GLY A 25 0.46 -5.48 1.93
CA GLY A 25 -0.26 -4.40 2.57
C GLY A 25 -1.77 -4.58 2.59
N LYS A 26 -2.39 -3.91 3.56
CA LYS A 26 -3.85 -3.96 3.76
C LYS A 26 -4.49 -2.66 3.33
N CYS A 27 -5.39 -2.73 2.34
CA CYS A 27 -6.08 -1.54 1.80
C CYS A 27 -6.77 -0.73 2.91
N MET A 28 -6.13 0.37 3.32
CA MET A 28 -6.64 1.22 4.38
C MET A 28 -6.10 2.65 4.25
N ASN A 29 -7.01 3.61 4.29
CA ASN A 29 -6.65 5.04 4.28
C ASN A 29 -6.01 5.43 2.95
N LYS A 30 -6.56 4.93 1.85
CA LYS A 30 -6.10 5.26 0.49
C LYS A 30 -4.78 4.58 0.16
N LYS A 31 -4.13 3.99 1.16
CA LYS A 31 -2.93 3.20 0.94
C LYS A 31 -3.14 1.82 1.56
N CYS A 32 -2.07 1.19 1.98
CA CYS A 32 -2.15 -0.11 2.60
C CYS A 32 -1.23 -0.21 3.80
N LYS A 33 -1.77 -0.67 4.92
CA LYS A 33 -1.03 -0.71 6.17
C LYS A 33 -0.52 -2.12 6.45
N CYS A 34 0.50 -2.21 7.28
CA CYS A 34 1.00 -3.50 7.76
C CYS A 34 1.38 -3.39 9.22
N GLN A 1 -2.92 5.12 -15.13
CA GLN A 1 -3.02 4.33 -13.88
C GLN A 1 -2.63 5.18 -12.68
N MET A 2 -2.59 4.53 -11.51
CA MET A 2 -2.18 5.15 -10.25
C MET A 2 -3.20 6.19 -9.78
N ASP A 3 -4.04 5.76 -8.86
CA ASP A 3 -5.07 6.61 -8.28
C ASP A 3 -4.70 6.92 -6.83
N MET A 4 -3.56 6.33 -6.42
CA MET A 4 -3.00 6.42 -5.06
C MET A 4 -4.05 6.15 -3.97
N ARG A 5 -5.08 5.39 -4.31
CA ARG A 5 -6.17 5.10 -3.38
C ARG A 5 -6.59 3.64 -3.46
N CYS A 6 -5.68 2.76 -3.08
CA CYS A 6 -5.89 1.32 -3.13
C CYS A 6 -6.42 0.91 -4.50
N SER A 7 -5.84 1.50 -5.51
CA SER A 7 -6.29 1.29 -6.88
C SER A 7 -5.22 1.77 -7.86
N ALA A 8 -4.03 2.08 -7.35
CA ALA A 8 -2.96 2.52 -8.22
C ALA A 8 -2.26 1.34 -8.86
N SER A 9 -1.41 0.69 -8.09
CA SER A 9 -0.55 -0.38 -8.61
C SER A 9 0.25 -1.04 -7.50
N VAL A 10 0.77 -0.24 -6.57
CA VAL A 10 1.79 -0.74 -5.64
C VAL A 10 1.56 -0.30 -4.19
N GLU A 11 0.37 0.18 -3.86
CA GLU A 11 0.13 0.76 -2.55
C GLU A 11 0.13 -0.31 -1.45
N CYS A 12 -0.33 -1.50 -1.79
CA CYS A 12 -0.34 -2.60 -0.84
C CYS A 12 1.02 -3.28 -0.81
N LYS A 13 1.98 -2.67 -1.45
CA LYS A 13 3.33 -3.19 -1.42
C LYS A 13 4.29 -2.15 -0.86
N GLN A 14 4.28 -0.97 -1.47
CA GLN A 14 5.22 0.09 -1.12
C GLN A 14 4.93 0.69 0.25
N LYS A 15 3.66 0.88 0.57
CA LYS A 15 3.30 1.40 1.89
C LYS A 15 3.63 0.40 2.98
N CYS A 16 3.57 -0.88 2.64
CA CYS A 16 3.91 -1.93 3.59
C CYS A 16 5.42 -2.03 3.74
N LEU A 17 6.13 -1.71 2.65
CA LEU A 17 7.58 -1.73 2.63
C LEU A 17 8.12 -0.68 3.59
N LYS A 18 7.45 0.45 3.61
CA LYS A 18 7.82 1.55 4.50
C LYS A 18 7.34 1.28 5.92
N ALA A 19 6.29 0.48 6.04
CA ALA A 19 5.73 0.17 7.35
C ALA A 19 6.62 -0.80 8.12
N ILE A 20 6.81 -2.01 7.60
CA ILE A 20 7.58 -3.04 8.29
C ILE A 20 8.47 -3.83 7.33
N GLY A 21 8.71 -3.27 6.15
CA GLY A 21 9.50 -3.98 5.15
C GLY A 21 8.79 -5.22 4.65
N SER A 22 7.53 -5.04 4.28
CA SER A 22 6.70 -6.13 3.80
C SER A 22 6.02 -5.71 2.50
N ILE A 23 5.57 -6.67 1.72
CA ILE A 23 4.87 -6.36 0.49
C ILE A 23 3.46 -6.95 0.53
N PHE A 24 2.83 -6.84 1.68
CA PHE A 24 1.54 -7.45 1.88
C PHE A 24 0.63 -6.52 2.65
N GLY A 25 0.53 -5.30 2.15
CA GLY A 25 -0.27 -4.27 2.77
C GLY A 25 -1.76 -4.49 2.59
N LYS A 26 -2.54 -3.91 3.50
CA LYS A 26 -3.99 -4.04 3.47
C LYS A 26 -4.63 -2.66 3.39
N CYS A 27 -5.57 -2.50 2.46
CA CYS A 27 -6.23 -1.21 2.17
C CYS A 27 -6.63 -0.45 3.44
N MET A 28 -5.92 0.63 3.69
CA MET A 28 -6.15 1.48 4.87
C MET A 28 -5.63 2.88 4.60
N ASN A 29 -6.45 3.89 4.92
CA ASN A 29 -6.04 5.29 4.79
C ASN A 29 -5.61 5.61 3.37
N LYS A 30 -6.48 5.29 2.40
CA LYS A 30 -6.23 5.52 0.98
C LYS A 30 -5.22 4.53 0.40
N LYS A 31 -4.22 4.16 1.18
CA LYS A 31 -3.24 3.20 0.70
C LYS A 31 -3.47 1.85 1.37
N CYS A 32 -2.44 1.32 2.00
CA CYS A 32 -2.49 0.03 2.61
C CYS A 32 -1.54 -0.04 3.80
N LYS A 33 -1.84 -0.91 4.75
CA LYS A 33 -1.02 -1.05 5.94
C LYS A 33 -0.85 -2.51 6.31
N CYS A 34 0.24 -2.82 6.97
CA CYS A 34 0.45 -4.14 7.50
C CYS A 34 0.68 -4.08 9.00
N GLN A 1 -0.28 6.11 -13.93
CA GLN A 1 -0.46 5.66 -12.53
C GLN A 1 -1.94 5.51 -12.20
N MET A 2 -2.24 4.54 -11.35
CA MET A 2 -3.61 4.35 -10.87
C MET A 2 -3.78 5.12 -9.57
N ASP A 3 -5.03 5.43 -9.23
CA ASP A 3 -5.31 6.29 -8.08
C ASP A 3 -4.91 5.60 -6.78
N MET A 4 -4.42 6.40 -5.84
CA MET A 4 -4.01 5.91 -4.54
C MET A 4 -5.23 5.61 -3.67
N ARG A 5 -6.13 4.84 -4.23
CA ARG A 5 -7.30 4.34 -3.52
C ARG A 5 -7.17 2.85 -3.30
N CYS A 6 -5.97 2.43 -2.91
CA CYS A 6 -5.61 1.01 -2.80
C CYS A 6 -5.79 0.32 -4.15
N SER A 7 -5.72 1.11 -5.21
CA SER A 7 -5.85 0.60 -6.55
C SER A 7 -4.66 1.08 -7.39
N ALA A 8 -3.67 1.63 -6.69
CA ALA A 8 -2.49 2.19 -7.34
C ALA A 8 -1.58 1.11 -7.90
N SER A 9 -1.88 -0.14 -7.55
CA SER A 9 -1.21 -1.32 -8.08
C SER A 9 0.18 -1.51 -7.46
N VAL A 10 0.66 -0.52 -6.73
CA VAL A 10 1.97 -0.63 -6.07
C VAL A 10 1.94 -0.17 -4.61
N GLU A 11 0.88 0.51 -4.21
CA GLU A 11 0.86 1.16 -2.90
C GLU A 11 0.73 0.16 -1.76
N CYS A 12 0.08 -0.97 -2.00
CA CYS A 12 -0.05 -1.96 -0.94
C CYS A 12 1.28 -2.64 -0.71
N LYS A 13 2.12 -2.66 -1.73
CA LYS A 13 3.45 -3.21 -1.60
C LYS A 13 4.38 -2.17 -0.98
N GLN A 14 4.33 -0.95 -1.52
CA GLN A 14 5.24 0.12 -1.12
C GLN A 14 4.94 0.64 0.28
N LYS A 15 3.66 0.89 0.58
CA LYS A 15 3.28 1.38 1.89
C LYS A 15 3.73 0.40 2.96
N CYS A 16 3.50 -0.88 2.68
CA CYS A 16 3.85 -1.94 3.62
C CYS A 16 5.36 -2.04 3.78
N LEU A 17 6.08 -1.75 2.71
CA LEU A 17 7.54 -1.85 2.70
C LEU A 17 8.16 -0.71 3.49
N LYS A 18 7.44 0.40 3.58
CA LYS A 18 7.86 1.51 4.41
C LYS A 18 7.32 1.36 5.82
N ALA A 19 6.20 0.65 5.94
CA ALA A 19 5.59 0.38 7.24
C ALA A 19 6.48 -0.54 8.08
N ILE A 20 6.48 -1.83 7.74
CA ILE A 20 7.29 -2.80 8.49
C ILE A 20 8.35 -3.42 7.59
N GLY A 21 8.24 -3.17 6.29
CA GLY A 21 9.17 -3.76 5.35
C GLY A 21 8.61 -5.01 4.72
N SER A 22 7.36 -4.94 4.28
CA SER A 22 6.67 -6.07 3.70
C SER A 22 6.00 -5.64 2.41
N ILE A 23 5.49 -6.60 1.64
CA ILE A 23 4.82 -6.27 0.39
C ILE A 23 3.39 -6.80 0.42
N PHE A 24 2.82 -6.86 1.61
CA PHE A 24 1.50 -7.43 1.79
C PHE A 24 0.61 -6.44 2.52
N GLY A 25 0.54 -5.24 1.96
CA GLY A 25 -0.23 -4.17 2.55
C GLY A 25 -1.73 -4.37 2.42
N LYS A 26 -2.44 -3.96 3.45
CA LYS A 26 -3.90 -4.07 3.50
C LYS A 26 -4.54 -2.70 3.40
N CYS A 27 -5.53 -2.57 2.52
CA CYS A 27 -6.21 -1.29 2.23
C CYS A 27 -6.51 -0.49 3.49
N MET A 28 -5.82 0.63 3.67
CA MET A 28 -5.98 1.47 4.86
C MET A 28 -5.58 2.90 4.55
N ASN A 29 -6.53 3.83 4.75
CA ASN A 29 -6.27 5.26 4.57
C ASN A 29 -5.83 5.57 3.14
N LYS A 30 -6.65 5.12 2.20
CA LYS A 30 -6.40 5.28 0.75
C LYS A 30 -5.24 4.40 0.27
N LYS A 31 -4.24 4.20 1.11
CA LYS A 31 -3.15 3.31 0.76
C LYS A 31 -3.33 2.00 1.48
N CYS A 32 -2.31 1.55 2.20
CA CYS A 32 -2.40 0.28 2.88
C CYS A 32 -1.59 0.29 4.19
N LYS A 33 -1.88 -0.70 5.01
CA LYS A 33 -1.16 -0.94 6.25
C LYS A 33 -0.97 -2.45 6.43
N CYS A 34 0.20 -2.85 6.88
CA CYS A 34 0.49 -4.25 7.11
C CYS A 34 -0.42 -4.82 8.19
N GLN A 1 -4.57 2.43 -15.07
CA GLN A 1 -4.58 1.89 -13.69
C GLN A 1 -3.69 2.74 -12.78
N MET A 2 -3.60 2.33 -11.52
CA MET A 2 -2.77 3.02 -10.52
C MET A 2 -3.27 4.44 -10.26
N ASP A 3 -4.05 4.59 -9.20
CA ASP A 3 -4.68 5.87 -8.87
C ASP A 3 -4.14 6.43 -7.56
N MET A 4 -3.14 5.74 -7.01
CA MET A 4 -2.53 6.04 -5.70
C MET A 4 -3.56 6.30 -4.60
N ARG A 5 -4.74 5.73 -4.74
CA ARG A 5 -5.80 5.93 -3.76
C ARG A 5 -6.41 4.62 -3.28
N CYS A 6 -5.57 3.79 -2.69
CA CYS A 6 -6.02 2.63 -1.93
C CYS A 6 -6.52 1.55 -2.87
N SER A 7 -6.06 1.60 -4.11
CA SER A 7 -6.48 0.68 -5.15
C SER A 7 -5.55 0.76 -6.35
N ALA A 8 -4.41 1.40 -6.17
CA ALA A 8 -3.47 1.64 -7.26
C ALA A 8 -2.68 0.40 -7.64
N SER A 9 -2.92 -0.71 -6.94
CA SER A 9 -2.29 -1.98 -7.27
C SER A 9 -0.79 -1.97 -6.93
N VAL A 10 -0.39 -1.04 -6.06
CA VAL A 10 1.03 -0.90 -5.73
C VAL A 10 1.23 -0.43 -4.28
N GLU A 11 0.29 0.34 -3.74
CA GLU A 11 0.43 0.88 -2.39
C GLU A 11 0.50 -0.23 -1.37
N CYS A 12 -0.20 -1.32 -1.65
CA CYS A 12 -0.22 -2.47 -0.76
C CYS A 12 1.14 -3.17 -0.74
N LYS A 13 2.07 -2.68 -1.51
CA LYS A 13 3.42 -3.21 -1.47
C LYS A 13 4.37 -2.14 -0.93
N GLN A 14 4.33 -0.97 -1.55
CA GLN A 14 5.29 0.09 -1.25
C GLN A 14 5.06 0.74 0.12
N LYS A 15 3.79 0.88 0.51
CA LYS A 15 3.47 1.49 1.80
C LYS A 15 3.98 0.59 2.92
N CYS A 16 3.69 -0.69 2.80
CA CYS A 16 4.11 -1.66 3.80
C CYS A 16 5.63 -1.76 3.89
N LEU A 17 6.31 -1.50 2.78
CA LEU A 17 7.75 -1.50 2.76
C LEU A 17 8.29 -0.37 3.64
N LYS A 18 7.57 0.74 3.63
CA LYS A 18 7.92 1.89 4.47
C LYS A 18 7.46 1.64 5.91
N ALA A 19 6.36 0.92 6.04
CA ALA A 19 5.78 0.63 7.35
C ALA A 19 6.64 -0.34 8.15
N ILE A 20 6.63 -1.61 7.75
CA ILE A 20 7.34 -2.65 8.49
C ILE A 20 8.34 -3.39 7.61
N GLY A 21 8.24 -3.21 6.31
CA GLY A 21 9.07 -3.94 5.40
C GLY A 21 8.37 -5.17 4.86
N SER A 22 7.20 -4.96 4.28
CA SER A 22 6.39 -6.05 3.75
C SER A 22 5.79 -5.63 2.42
N ILE A 23 5.31 -6.59 1.65
CA ILE A 23 4.66 -6.31 0.37
C ILE A 23 3.32 -7.01 0.31
N PHE A 24 2.67 -7.13 1.46
CA PHE A 24 1.41 -7.82 1.57
C PHE A 24 0.43 -6.95 2.34
N GLY A 25 0.33 -5.72 1.86
CA GLY A 25 -0.43 -4.69 2.53
C GLY A 25 -1.92 -4.81 2.44
N LYS A 26 -2.59 -4.23 3.42
CA LYS A 26 -4.04 -4.20 3.48
C LYS A 26 -4.54 -2.78 3.27
N CYS A 27 -5.47 -2.61 2.32
CA CYS A 27 -6.04 -1.30 2.01
C CYS A 27 -6.42 -0.53 3.28
N MET A 28 -5.70 0.55 3.55
CA MET A 28 -5.86 1.30 4.80
C MET A 28 -5.27 2.69 4.69
N ASN A 29 -6.05 3.69 5.10
CA ASN A 29 -5.59 5.07 5.22
C ASN A 29 -5.07 5.61 3.89
N LYS A 30 -5.95 5.61 2.89
CA LYS A 30 -5.66 6.16 1.56
C LYS A 30 -4.74 5.26 0.75
N LYS A 31 -3.90 4.48 1.42
CA LYS A 31 -3.05 3.50 0.76
C LYS A 31 -3.28 2.12 1.34
N CYS A 32 -2.27 1.58 1.99
CA CYS A 32 -2.36 0.28 2.61
C CYS A 32 -1.50 0.21 3.87
N LYS A 33 -1.75 -0.80 4.67
CA LYS A 33 -1.01 -1.02 5.90
C LYS A 33 -0.95 -2.51 6.21
N CYS A 34 0.18 -2.97 6.71
CA CYS A 34 0.29 -4.32 7.22
C CYS A 34 0.18 -4.31 8.74
#